data_4WEL
#
_entry.id   4WEL
#
_cell.length_a   68.442
_cell.length_b   83.337
_cell.length_c   89.411
_cell.angle_alpha   90.00
_cell.angle_beta   90.00
_cell.angle_gamma   90.00
#
_symmetry.space_group_name_H-M   'P 21 21 21'
#
loop_
_entity.id
_entity.type
_entity.pdbx_description
1 polymer 'Penicillin-binding protein 3'
2 non-polymer '(3S,4S,7Z)-7-(2-amino-1,3-thiazol-4-yl)-4-formyl-1-[({3-(5-hydroxy-4-oxo-3,4-dihydropyridin-2-yl)-4-[3-(methylsulfonyl)propyl]-5-oxo-4,5-dihydro-1H-1,2,4-triazol-1-yl}sulfonyl)amino]-3,10,10-trimethyl-1,6-dioxo-9-oxa-2,5,8-triazaundec-7-en-11-oic acid'
3 water water
#
_entity_poly.entity_id   1
_entity_poly.type   'polypeptide(L)'
_entity_poly.pdbx_seq_one_letter_code
;MGHHHHHHARSVRHIAIPAHRGLITDRNGEPLAVSTPVTTLWANPKELMTAKERWPQLAAALGQDTKLFADRIEQNAERE
FIYLVRGLTPEQGEGVIALKVPGVYSIEEFRRFYPAGEVVAHAVGFTDVDDRGREGIELAFDEWLAGVPGKRQVLKDRRG
RVIKDVQVTKNAKPGKTLALSIDLRLQYLAHRELRNALLENGAKAGSLVIMDVKTGEILAMTNQPTYNPNNRRNLQPAAM
RNRAMIDVFEPGSTVKPFSMSAALASGRWKPSDIVDVYPGTLQIGRYTIRDVSRNSRQLDLTGILIKSSNVGISKIAFDI
GAESIYSVMQQVGLGQDTGLGFPGERVGNLPNHRKWPKAETATLAYGYGLSVTAIQLAHAYAALANDGKSVPLSMTRVDR
VPDGVQVISPEVASTVQGMLQQVVEAQGGVFRAQVPGYHAAGKSGTARKVSVGTKGYRENAYRSLFAGFAPATDPRIAMV
VVIDEPSKAGYFGGLVSAPVFSKVMAGALRLMNVPPDNLPTATEQQQVNAAPAKGGRG
;
_entity_poly.pdbx_strand_id   A
#
loop_
_chem_comp.id
_chem_comp.type
_chem_comp.name
_chem_comp.formula
3LE non-polymer '(3S,4S,7Z)-7-(2-amino-1,3-thiazol-4-yl)-4-formyl-1-[({3-(5-hydroxy-4-oxo-3,4-dihydropyridin-2-yl)-4-[3-(methylsulfonyl)propyl]-5-oxo-4,5-dihydro-1H-1,2,4-triazol-1-yl}sulfonyl)amino]-3,10,10-trimethyl-1,6-dioxo-9-oxa-2,5,8-triazaundec-7-en-11-oic acid' 'C25 H32 N10 O13 S3'
#
# COMPACT_ATOMS: atom_id res chain seq x y z
N ARG A 10 -19.24 47.32 18.27
CA ARG A 10 -19.16 46.07 19.05
C ARG A 10 -19.99 44.97 18.37
N SER A 11 -19.40 43.76 18.25
CA SER A 11 -20.03 42.58 17.66
C SER A 11 -19.57 41.29 18.33
N VAL A 12 -20.55 40.44 18.68
CA VAL A 12 -20.29 39.15 19.30
C VAL A 12 -20.07 38.15 18.16
N ARG A 13 -18.93 37.45 18.18
CA ARG A 13 -18.56 36.48 17.14
C ARG A 13 -18.05 35.15 17.73
N HIS A 14 -18.15 34.08 16.95
CA HIS A 14 -17.71 32.75 17.34
C HIS A 14 -16.55 32.33 16.42
N ILE A 15 -15.41 31.95 17.02
CA ILE A 15 -14.20 31.51 16.30
C ILE A 15 -13.88 30.03 16.63
N ALA A 16 -13.27 29.29 15.70
CA ALA A 16 -12.93 27.88 15.90
C ALA A 16 -11.71 27.69 16.82
N ILE A 17 -11.65 26.51 17.46
CA ILE A 17 -10.51 26.11 18.29
C ILE A 17 -9.98 24.85 17.58
N PRO A 18 -8.80 24.86 16.93
CA PRO A 18 -8.33 23.63 16.25
C PRO A 18 -8.11 22.47 17.21
N ALA A 19 -8.37 21.24 16.75
CA ALA A 19 -8.21 20.01 17.53
C ALA A 19 -6.85 19.37 17.23
N HIS A 20 -6.26 18.67 18.22
CA HIS A 20 -4.97 17.97 18.06
C HIS A 20 -5.24 16.65 17.32
N ARG A 21 -4.67 16.49 16.11
CA ARG A 21 -4.82 15.26 15.31
C ARG A 21 -4.14 14.05 15.99
N GLY A 22 -4.86 12.94 16.08
CA GLY A 22 -4.41 11.70 16.71
C GLY A 22 -3.12 11.14 16.15
N LEU A 23 -2.30 10.59 17.03
CA LEU A 23 -1.01 10.00 16.69
C LEU A 23 -1.21 8.69 15.90
N ILE A 24 -0.43 8.50 14.81
CA ILE A 24 -0.45 7.22 14.09
C ILE A 24 0.84 6.52 14.48
N THR A 25 0.75 5.25 14.93
CA THR A 25 1.95 4.50 15.30
C THR A 25 2.00 3.23 14.46
N ASP A 26 3.13 2.50 14.54
CA ASP A 26 3.20 1.18 13.93
C ASP A 26 2.55 0.23 14.98
N ARG A 27 2.61 -1.08 14.77
CA ARG A 27 1.95 -2.03 15.65
C ARG A 27 2.57 -2.12 17.07
N ASN A 28 3.82 -1.63 17.25
CA ASN A 28 4.54 -1.64 18.51
C ASN A 28 4.63 -0.25 19.15
N GLY A 29 3.88 0.71 18.63
CA GLY A 29 3.89 2.07 19.17
C GLY A 29 4.97 2.99 18.63
N GLU A 30 5.73 2.59 17.58
CA GLU A 30 6.72 3.50 17.01
C GLU A 30 5.99 4.65 16.27
N PRO A 31 6.28 5.93 16.54
CA PRO A 31 5.54 7.01 15.88
C PRO A 31 5.71 7.08 14.37
N LEU A 32 4.60 7.19 13.64
CA LEU A 32 4.62 7.29 12.19
C LEU A 32 4.05 8.63 11.66
N ALA A 33 3.14 9.24 12.40
CA ALA A 33 2.56 10.54 12.03
C ALA A 33 2.24 11.28 13.32
N VAL A 34 2.91 12.42 13.52
CA VAL A 34 2.83 13.20 14.77
C VAL A 34 2.44 14.67 14.50
N SER A 35 1.41 15.18 15.22
CA SER A 35 0.98 16.59 15.09
C SER A 35 1.94 17.49 15.84
N THR A 36 2.57 18.42 15.14
CA THR A 36 3.58 19.36 15.62
C THR A 36 2.99 20.80 15.65
N PRO A 37 3.20 21.58 16.74
CA PRO A 37 2.70 22.97 16.75
C PRO A 37 3.40 23.87 15.75
N VAL A 38 2.60 24.60 14.98
CA VAL A 38 3.03 25.61 14.02
C VAL A 38 2.26 26.93 14.34
N THR A 39 2.85 28.03 13.92
CA THR A 39 2.30 29.36 14.12
C THR A 39 1.75 29.87 12.83
N THR A 40 0.47 30.28 12.86
CA THR A 40 -0.20 30.99 11.78
C THR A 40 -0.26 32.48 12.16
N LEU A 41 0.20 33.34 11.26
CA LEU A 41 0.19 34.78 11.52
C LEU A 41 -0.90 35.34 10.70
N TRP A 42 -1.80 36.07 11.33
CA TRP A 42 -2.88 36.75 10.64
C TRP A 42 -2.86 38.23 11.00
N ALA A 43 -3.57 39.01 10.21
CA ALA A 43 -3.61 40.42 10.45
C ALA A 43 -4.94 40.99 10.10
N ASN A 44 -5.26 42.08 10.79
CA ASN A 44 -6.47 42.83 10.52
C ASN A 44 -6.03 44.05 9.71
N PRO A 45 -6.31 44.10 8.37
CA PRO A 45 -5.86 45.24 7.56
C PRO A 45 -6.33 46.59 8.07
N LYS A 46 -7.51 46.67 8.72
CA LYS A 46 -8.08 47.90 9.30
C LYS A 46 -7.14 48.44 10.39
N GLU A 47 -6.60 47.56 11.24
CA GLU A 47 -5.65 47.93 12.29
C GLU A 47 -4.26 48.24 11.70
N LEU A 48 -3.80 47.44 10.69
CA LEU A 48 -2.50 47.66 10.01
C LEU A 48 -2.33 49.05 9.42
N MET A 49 -3.44 49.65 8.90
CA MET A 49 -3.49 50.99 8.30
C MET A 49 -3.03 52.11 9.24
N THR A 50 -3.08 51.89 10.57
CA THR A 50 -2.67 52.88 11.56
C THR A 50 -1.20 52.78 11.90
N ALA A 51 -0.51 51.78 11.33
CA ALA A 51 0.91 51.58 11.63
C ALA A 51 1.76 51.33 10.35
N LYS A 52 1.56 52.14 9.30
CA LYS A 52 2.27 51.99 8.03
C LYS A 52 3.79 52.02 8.15
N GLU A 53 4.32 52.82 9.09
CA GLU A 53 5.77 52.92 9.31
C GLU A 53 6.40 51.58 9.73
N ARG A 54 5.59 50.66 10.28
CA ARG A 54 6.03 49.34 10.70
C ARG A 54 6.01 48.34 9.57
N TRP A 55 5.29 48.65 8.46
CA TRP A 55 5.08 47.65 7.38
C TRP A 55 6.37 47.15 6.77
N PRO A 56 7.37 48.01 6.44
CA PRO A 56 8.60 47.48 5.79
C PRO A 56 9.35 46.47 6.64
N GLN A 57 9.43 46.69 7.97
CA GLN A 57 10.07 45.77 8.91
C GLN A 57 9.30 44.50 9.04
N LEU A 58 7.95 44.58 8.99
CA LEU A 58 7.05 43.43 9.00
C LEU A 58 7.22 42.63 7.70
N ALA A 59 7.27 43.32 6.53
CA ALA A 59 7.51 42.69 5.21
C ALA A 59 8.86 41.97 5.23
N ALA A 60 9.92 42.64 5.72
CA ALA A 60 11.28 42.08 5.81
C ALA A 60 11.29 40.84 6.68
N ALA A 61 10.57 40.86 7.83
CA ALA A 61 10.43 39.71 8.73
C ALA A 61 9.71 38.56 8.04
N LEU A 62 8.75 38.86 7.15
CA LEU A 62 8.00 37.83 6.41
C LEU A 62 8.74 37.44 5.08
N GLY A 63 9.90 38.08 4.82
CA GLY A 63 10.71 37.87 3.63
C GLY A 63 10.05 38.29 2.34
N GLN A 64 9.21 39.34 2.41
CA GLN A 64 8.43 39.86 1.28
C GLN A 64 9.00 41.17 0.83
N ASP A 65 8.89 41.47 -0.49
CA ASP A 65 9.30 42.77 -1.03
C ASP A 65 8.37 43.82 -0.36
N THR A 66 8.95 44.94 0.06
CA THR A 66 8.24 45.99 0.75
C THR A 66 6.98 46.44 -0.02
N LYS A 67 7.13 46.69 -1.32
CA LYS A 67 6.05 47.21 -2.16
C LYS A 67 4.94 46.19 -2.40
N LEU A 68 5.27 44.91 -2.62
CA LEU A 68 4.28 43.86 -2.84
C LEU A 68 3.45 43.66 -1.58
N PHE A 69 4.13 43.68 -0.40
CA PHE A 69 3.44 43.58 0.87
C PHE A 69 2.50 44.77 1.12
N ALA A 70 2.98 46.02 0.91
CA ALA A 70 2.18 47.24 1.05
C ALA A 70 0.98 47.22 0.11
N ASP A 71 1.17 46.78 -1.15
CA ASP A 71 0.10 46.66 -2.15
C ASP A 71 -0.96 45.67 -1.67
N ARG A 72 -0.52 44.55 -1.10
CA ARG A 72 -1.38 43.51 -0.58
C ARG A 72 -2.30 44.01 0.54
N ILE A 73 -1.76 44.84 1.46
CA ILE A 73 -2.53 45.39 2.57
C ILE A 73 -3.56 46.42 2.07
N GLU A 74 -3.20 47.21 1.04
CA GLU A 74 -4.07 48.21 0.44
C GLU A 74 -5.22 47.55 -0.33
N GLN A 75 -4.94 46.46 -1.07
CA GLN A 75 -5.93 45.73 -1.85
C GLN A 75 -6.97 45.02 -0.97
N ASN A 76 -6.58 44.69 0.28
CA ASN A 76 -7.43 44.00 1.27
C ASN A 76 -7.84 44.94 2.43
N ALA A 77 -7.79 46.27 2.20
CA ALA A 77 -8.12 47.33 3.18
C ALA A 77 -9.54 47.28 3.78
N GLU A 78 -10.50 46.67 3.07
CA GLU A 78 -11.89 46.57 3.53
C GLU A 78 -12.15 45.28 4.33
N ARG A 79 -11.14 44.40 4.39
CA ARG A 79 -11.21 43.14 5.13
C ARG A 79 -10.72 43.33 6.58
N GLU A 80 -11.10 42.41 7.48
CA GLU A 80 -10.74 42.46 8.90
C GLU A 80 -9.86 41.29 9.25
N PHE A 81 -9.64 40.43 8.26
CA PHE A 81 -8.83 39.23 8.42
C PHE A 81 -8.20 38.90 7.09
N ILE A 82 -6.90 38.60 7.15
CA ILE A 82 -6.07 38.11 6.06
C ILE A 82 -5.03 37.20 6.67
N TYR A 83 -4.64 36.15 5.96
CA TYR A 83 -3.57 35.29 6.45
C TYR A 83 -2.26 35.96 6.01
N LEU A 84 -1.27 36.07 6.90
CA LEU A 84 0.02 36.68 6.55
C LEU A 84 0.94 35.59 6.10
N VAL A 85 1.05 34.54 6.94
CA VAL A 85 1.83 33.35 6.69
C VAL A 85 1.28 32.20 7.54
N ARG A 86 1.20 31.01 6.94
CA ARG A 86 0.71 29.82 7.62
C ARG A 86 1.81 28.78 7.77
N GLY A 87 1.80 28.08 8.90
CA GLY A 87 2.72 27.00 9.21
C GLY A 87 4.14 27.37 9.51
N LEU A 88 4.35 28.48 10.22
CA LEU A 88 5.70 28.84 10.66
C LEU A 88 6.03 28.05 11.91
N THR A 89 7.29 28.05 12.35
CA THR A 89 7.69 27.40 13.59
C THR A 89 7.32 28.37 14.73
N PRO A 90 7.06 27.93 15.99
CA PRO A 90 6.74 28.91 17.06
C PRO A 90 7.77 30.03 17.16
N GLU A 91 9.08 29.67 17.06
CA GLU A 91 10.25 30.56 17.10
C GLU A 91 10.13 31.67 16.05
N GLN A 92 9.74 31.30 14.81
CA GLN A 92 9.54 32.21 13.67
C GLN A 92 8.36 33.15 13.91
N GLY A 93 7.24 32.62 14.44
CA GLY A 93 6.03 33.38 14.74
C GLY A 93 6.24 34.42 15.84
N GLU A 94 7.02 34.04 16.88
CA GLU A 94 7.38 34.89 18.02
C GLU A 94 8.25 36.07 17.61
N GLY A 95 9.05 35.89 16.55
CA GLY A 95 9.94 36.90 15.99
C GLY A 95 9.16 38.01 15.31
N VAL A 96 8.03 37.65 14.65
CA VAL A 96 7.13 38.60 13.98
C VAL A 96 6.31 39.29 15.07
N ILE A 97 5.84 38.53 16.09
CA ILE A 97 5.08 39.06 17.22
C ILE A 97 5.95 40.05 18.06
N ALA A 98 7.29 39.81 18.11
CA ALA A 98 8.24 40.66 18.84
C ALA A 98 8.41 42.06 18.22
N LEU A 99 7.93 42.26 16.96
CA LEU A 99 7.98 43.58 16.31
C LEU A 99 6.86 44.46 16.90
N LYS A 100 5.85 43.82 17.56
CA LYS A 100 4.72 44.49 18.23
C LYS A 100 3.93 45.40 17.27
N VAL A 101 3.66 44.89 16.07
CA VAL A 101 2.95 45.67 15.04
C VAL A 101 1.46 45.62 15.36
N PRO A 102 0.80 46.79 15.52
CA PRO A 102 -0.66 46.79 15.74
C PRO A 102 -1.42 46.09 14.58
N GLY A 103 -2.32 45.20 14.95
CA GLY A 103 -3.13 44.47 13.98
C GLY A 103 -2.56 43.13 13.54
N VAL A 104 -1.42 42.72 14.13
CA VAL A 104 -0.76 41.45 13.80
C VAL A 104 -0.98 40.47 14.97
N TYR A 105 -1.44 39.24 14.66
CA TYR A 105 -1.76 38.21 15.64
C TYR A 105 -1.21 36.85 15.26
N SER A 106 -0.90 36.03 16.28
CA SER A 106 -0.46 34.67 16.07
C SER A 106 -1.57 33.73 16.53
N ILE A 107 -1.65 32.56 15.89
CA ILE A 107 -2.60 31.49 16.16
C ILE A 107 -1.84 30.16 16.05
N GLU A 108 -2.09 29.26 17.00
CA GLU A 108 -1.42 27.96 17.09
C GLU A 108 -2.20 26.98 16.23
N GLU A 109 -1.51 26.37 15.26
CA GLU A 109 -2.08 25.38 14.35
C GLU A 109 -1.22 24.08 14.45
N PHE A 110 -1.73 22.97 13.94
CA PHE A 110 -0.99 21.70 13.99
C PHE A 110 -0.58 21.33 12.59
N ARG A 111 0.60 20.74 12.47
CA ARG A 111 1.14 20.31 11.19
C ARG A 111 1.79 18.94 11.42
N ARG A 112 1.61 18.02 10.49
CA ARG A 112 2.15 16.69 10.67
C ARG A 112 3.64 16.61 10.40
N PHE A 113 4.31 15.72 11.16
CA PHE A 113 5.69 15.32 10.96
C PHE A 113 5.64 13.78 10.84
N TYR A 114 6.38 13.23 9.88
CA TYR A 114 6.42 11.79 9.57
C TYR A 114 7.80 11.27 9.90
N PRO A 115 8.03 10.76 11.14
CA PRO A 115 9.40 10.39 11.54
C PRO A 115 10.10 9.35 10.65
N ALA A 116 9.35 8.42 10.02
CA ALA A 116 9.98 7.43 9.15
C ALA A 116 10.08 7.90 7.66
N GLY A 117 9.54 9.08 7.38
CA GLY A 117 9.61 9.71 6.05
C GLY A 117 9.22 8.80 4.90
N GLU A 118 10.10 8.69 3.90
CA GLU A 118 9.88 7.92 2.68
C GLU A 118 9.58 6.42 2.91
N VAL A 119 10.08 5.86 4.01
CA VAL A 119 9.95 4.45 4.35
C VAL A 119 8.48 3.94 4.44
N VAL A 120 7.55 4.75 4.95
CA VAL A 120 6.17 4.33 5.09
C VAL A 120 5.19 5.37 4.49
N ALA A 121 5.71 6.19 3.56
CA ALA A 121 4.93 7.28 2.96
C ALA A 121 3.65 6.86 2.30
N HIS A 122 3.69 5.78 1.50
CA HIS A 122 2.48 5.34 0.77
C HIS A 122 1.39 4.80 1.69
N ALA A 123 1.74 4.01 2.70
CA ALA A 123 0.79 3.44 3.65
C ALA A 123 0.20 4.53 4.56
N VAL A 124 1.07 5.34 5.20
CA VAL A 124 0.58 6.41 6.11
C VAL A 124 -0.14 7.53 5.36
N GLY A 125 0.41 7.96 4.23
CA GLY A 125 -0.14 9.05 3.42
C GLY A 125 0.23 10.37 4.04
N PHE A 126 -0.64 11.39 3.90
CA PHE A 126 -0.35 12.71 4.48
C PHE A 126 -1.59 13.61 4.64
N THR A 127 -1.43 14.72 5.36
CA THR A 127 -2.48 15.72 5.55
C THR A 127 -2.24 16.91 4.59
N ASP A 128 -3.31 17.67 4.28
CA ASP A 128 -3.16 18.86 3.44
C ASP A 128 -2.76 20.05 4.30
N VAL A 129 -2.74 21.26 3.70
CA VAL A 129 -2.39 22.52 4.37
C VAL A 129 -3.34 22.80 5.58
N ASP A 130 -4.59 22.32 5.50
CA ASP A 130 -5.60 22.47 6.56
C ASP A 130 -5.57 21.36 7.64
N ASP A 131 -4.56 20.46 7.59
CA ASP A 131 -4.37 19.35 8.55
C ASP A 131 -5.43 18.22 8.40
N ARG A 132 -6.05 18.12 7.23
CA ARG A 132 -7.03 17.09 6.94
C ARG A 132 -6.35 16.00 6.14
N GLY A 133 -6.72 14.75 6.40
CA GLY A 133 -6.20 13.62 5.66
C GLY A 133 -6.43 13.76 4.18
N ARG A 134 -5.35 13.61 3.40
CA ARG A 134 -5.39 13.76 1.94
C ARG A 134 -5.07 12.49 1.20
N GLU A 135 -4.21 11.62 1.76
CA GLU A 135 -3.77 10.36 1.15
C GLU A 135 -3.57 9.28 2.20
N GLY A 136 -3.56 8.02 1.75
CA GLY A 136 -3.33 6.86 2.59
C GLY A 136 -4.21 6.74 3.83
N ILE A 137 -3.61 6.24 4.92
CA ILE A 137 -4.30 6.04 6.20
C ILE A 137 -4.81 7.38 6.76
N GLU A 138 -4.04 8.46 6.54
CA GLU A 138 -4.43 9.80 6.97
C GLU A 138 -5.84 10.12 6.42
N LEU A 139 -6.10 9.75 5.16
CA LEU A 139 -7.40 9.99 4.54
C LEU A 139 -8.42 8.92 5.00
N ALA A 140 -8.05 7.62 4.86
CA ALA A 140 -8.94 6.50 5.23
C ALA A 140 -9.49 6.59 6.66
N PHE A 141 -8.67 7.05 7.64
CA PHE A 141 -9.10 7.14 9.03
C PHE A 141 -9.21 8.58 9.49
N ASP A 142 -9.53 9.49 8.57
CA ASP A 142 -9.59 10.91 8.88
C ASP A 142 -10.52 11.24 10.01
N GLU A 143 -11.75 10.69 10.02
CA GLU A 143 -12.71 10.96 11.08
C GLU A 143 -12.17 10.56 12.44
N TRP A 144 -11.58 9.37 12.56
CA TRP A 144 -11.00 8.87 13.81
C TRP A 144 -9.85 9.78 14.28
N LEU A 145 -8.96 10.16 13.36
CA LEU A 145 -7.77 10.94 13.65
C LEU A 145 -8.00 12.42 13.89
N ALA A 146 -8.97 13.02 13.18
CA ALA A 146 -9.19 14.47 13.23
C ALA A 146 -9.70 15.04 14.54
N GLY A 147 -10.58 14.32 15.23
CA GLY A 147 -11.21 14.86 16.44
C GLY A 147 -12.26 15.90 16.02
N VAL A 148 -12.61 16.82 16.92
CA VAL A 148 -13.62 17.81 16.54
C VAL A 148 -13.16 19.21 16.99
N PRO A 149 -13.06 20.20 16.08
CA PRO A 149 -12.66 21.54 16.52
C PRO A 149 -13.68 22.13 17.51
N GLY A 150 -13.18 22.97 18.40
CA GLY A 150 -14.01 23.65 19.38
C GLY A 150 -14.49 24.98 18.86
N LYS A 151 -15.18 25.73 19.72
CA LYS A 151 -15.73 27.05 19.41
C LYS A 151 -15.53 27.98 20.59
N ARG A 152 -15.06 29.22 20.32
CA ARG A 152 -14.75 30.28 21.29
C ARG A 152 -15.63 31.50 20.97
N GLN A 153 -16.19 32.14 22.00
CA GLN A 153 -17.00 33.36 21.82
C GLN A 153 -16.10 34.56 22.10
N VAL A 154 -16.17 35.57 21.23
CA VAL A 154 -15.37 36.80 21.29
C VAL A 154 -16.20 38.09 21.04
N LEU A 155 -15.73 39.21 21.59
CA LEU A 155 -16.37 40.50 21.37
C LEU A 155 -15.39 41.29 20.50
N LYS A 156 -15.82 41.71 19.32
CA LYS A 156 -14.99 42.46 18.38
C LYS A 156 -15.44 43.92 18.25
N ASP A 157 -14.49 44.88 18.17
CA ASP A 157 -14.83 46.30 17.99
C ASP A 157 -15.28 46.56 16.54
N ARG A 158 -15.48 47.84 16.14
CA ARG A 158 -15.92 48.17 14.77
C ARG A 158 -14.87 47.86 13.70
N ARG A 159 -13.57 47.81 14.08
CA ARG A 159 -12.50 47.44 13.15
C ARG A 159 -12.35 45.93 13.04
N GLY A 160 -13.00 45.17 13.94
CA GLY A 160 -12.93 43.72 13.96
C GLY A 160 -11.87 43.19 14.90
N ARG A 161 -11.31 44.09 15.73
CA ARG A 161 -10.29 43.76 16.72
C ARG A 161 -10.94 43.09 17.90
N VAL A 162 -10.37 41.96 18.35
CA VAL A 162 -10.82 41.18 19.51
C VAL A 162 -10.63 42.04 20.78
N ILE A 163 -11.74 42.52 21.38
CA ILE A 163 -11.73 43.34 22.61
C ILE A 163 -11.64 42.42 23.83
N LYS A 164 -12.43 41.32 23.83
CA LYS A 164 -12.44 40.39 24.95
C LYS A 164 -12.77 38.95 24.55
N ASP A 165 -12.19 37.99 25.29
CA ASP A 165 -12.45 36.56 25.14
C ASP A 165 -13.51 36.28 26.20
N VAL A 166 -14.79 36.15 25.77
CA VAL A 166 -15.90 36.00 26.70
C VAL A 166 -15.93 34.58 27.31
N GLN A 167 -16.06 33.53 26.48
CA GLN A 167 -16.15 32.14 26.96
C GLN A 167 -15.94 31.13 25.84
N VAL A 168 -15.67 29.88 26.23
CA VAL A 168 -15.55 28.76 25.28
C VAL A 168 -16.97 28.16 25.23
N THR A 169 -17.56 28.06 24.03
CA THR A 169 -18.91 27.49 23.89
C THR A 169 -18.88 25.98 23.68
N LYS A 170 -17.81 25.50 23.02
CA LYS A 170 -17.58 24.09 22.72
C LYS A 170 -16.09 23.80 22.83
N ASN A 171 -15.72 22.89 23.74
CA ASN A 171 -14.32 22.53 23.90
C ASN A 171 -13.91 21.68 22.71
N ALA A 172 -12.64 21.83 22.27
CA ALA A 172 -12.08 21.01 21.18
C ALA A 172 -11.88 19.62 21.72
N LYS A 173 -12.13 18.62 20.90
CA LYS A 173 -11.94 17.23 21.31
C LYS A 173 -10.76 16.69 20.50
N PRO A 174 -9.66 16.24 21.15
CA PRO A 174 -8.53 15.76 20.37
C PRO A 174 -8.86 14.48 19.59
N GLY A 175 -8.20 14.30 18.45
CA GLY A 175 -8.33 13.10 17.63
C GLY A 175 -7.81 11.90 18.37
N LYS A 176 -8.06 10.69 17.84
CA LYS A 176 -7.66 9.47 18.56
C LYS A 176 -6.42 8.80 17.99
N THR A 177 -5.62 8.15 18.86
CA THR A 177 -4.44 7.39 18.44
C THR A 177 -4.87 6.21 17.56
N LEU A 178 -4.04 5.88 16.57
CA LEU A 178 -4.27 4.75 15.68
C LEU A 178 -2.97 3.92 15.55
N ALA A 179 -3.04 2.64 15.95
CA ALA A 179 -1.91 1.74 15.76
C ALA A 179 -2.12 0.94 14.46
N LEU A 180 -1.22 1.10 13.49
CA LEU A 180 -1.28 0.34 12.25
C LEU A 180 -0.88 -1.11 12.46
N SER A 181 -1.18 -1.97 11.47
CA SER A 181 -0.77 -3.38 11.46
C SER A 181 0.75 -3.46 11.09
N ILE A 182 1.25 -2.42 10.40
CA ILE A 182 2.64 -2.32 9.94
C ILE A 182 3.62 -2.51 11.08
N ASP A 183 4.62 -3.35 10.83
CA ASP A 183 5.75 -3.53 11.75
C ASP A 183 6.87 -2.72 11.11
N LEU A 184 7.25 -1.59 11.72
CA LEU A 184 8.24 -0.68 11.15
C LEU A 184 9.59 -1.35 10.84
N ARG A 185 9.99 -2.36 11.65
CA ARG A 185 11.21 -3.13 11.43
C ARG A 185 11.12 -3.89 10.10
N LEU A 186 9.99 -4.56 9.82
CA LEU A 186 9.79 -5.30 8.58
C LEU A 186 9.64 -4.31 7.42
N GLN A 187 8.96 -3.18 7.68
CA GLN A 187 8.77 -2.12 6.69
C GLN A 187 10.12 -1.60 6.19
N TYR A 188 11.06 -1.32 7.10
CA TYR A 188 12.38 -0.84 6.74
C TYR A 188 13.16 -1.86 5.92
N LEU A 189 13.08 -3.14 6.32
CA LEU A 189 13.73 -4.24 5.62
C LEU A 189 13.18 -4.35 4.19
N ALA A 190 11.83 -4.37 4.06
CA ALA A 190 11.15 -4.47 2.76
C ALA A 190 11.52 -3.26 1.89
N HIS A 191 11.46 -2.04 2.44
CA HIS A 191 11.81 -0.81 1.75
C HIS A 191 13.23 -0.89 1.16
N ARG A 192 14.20 -1.29 1.96
CA ARG A 192 15.61 -1.34 1.55
C ARG A 192 15.83 -2.37 0.44
N GLU A 193 15.24 -3.57 0.58
CA GLU A 193 15.44 -4.62 -0.40
C GLU A 193 14.74 -4.34 -1.71
N LEU A 194 13.53 -3.74 -1.66
CA LEU A 194 12.84 -3.38 -2.88
C LEU A 194 13.65 -2.29 -3.62
N ARG A 195 14.10 -1.26 -2.89
CA ARG A 195 14.95 -0.20 -3.42
C ARG A 195 16.21 -0.80 -4.12
N ASN A 196 16.94 -1.69 -3.42
CA ASN A 196 18.13 -2.35 -3.95
C ASN A 196 17.84 -3.14 -5.23
N ALA A 197 16.70 -3.85 -5.27
CA ALA A 197 16.31 -4.66 -6.42
C ALA A 197 16.02 -3.78 -7.63
N LEU A 198 15.39 -2.61 -7.39
CA LEU A 198 15.08 -1.68 -8.48
C LEU A 198 16.38 -1.20 -9.12
N LEU A 199 17.41 -0.96 -8.29
CA LEU A 199 18.72 -0.50 -8.76
C LEU A 199 19.46 -1.59 -9.51
N GLU A 200 19.54 -2.80 -8.93
CA GLU A 200 20.18 -3.97 -9.52
C GLU A 200 19.59 -4.32 -10.89
N ASN A 201 18.26 -4.13 -11.05
CA ASN A 201 17.55 -4.48 -12.28
C ASN A 201 17.24 -3.30 -13.20
N GLY A 202 17.60 -2.08 -12.81
CA GLY A 202 17.30 -0.88 -13.58
C GLY A 202 15.82 -0.76 -13.85
N ALA A 203 15.00 -1.14 -12.87
CA ALA A 203 13.56 -1.18 -12.99
C ALA A 203 12.91 0.16 -12.79
N LYS A 204 11.72 0.34 -13.35
CA LYS A 204 10.97 1.59 -13.29
C LYS A 204 10.24 1.75 -11.93
N ALA A 205 9.64 0.65 -11.42
CA ALA A 205 8.83 0.73 -10.22
C ALA A 205 8.72 -0.64 -9.58
N GLY A 206 8.11 -0.70 -8.42
CA GLY A 206 7.93 -1.97 -7.73
C GLY A 206 7.06 -1.85 -6.52
N SER A 207 6.63 -3.01 -5.98
CA SER A 207 5.82 -3.08 -4.76
C SER A 207 6.19 -4.33 -4.01
N LEU A 208 6.06 -4.28 -2.67
CA LEU A 208 6.34 -5.45 -1.84
C LEU A 208 5.36 -5.40 -0.70
N VAL A 209 4.56 -6.48 -0.57
CA VAL A 209 3.53 -6.59 0.47
C VAL A 209 3.85 -7.79 1.33
N ILE A 210 3.79 -7.63 2.67
CA ILE A 210 4.00 -8.71 3.62
C ILE A 210 2.74 -8.82 4.45
N MET A 211 2.19 -10.03 4.56
CA MET A 211 0.95 -10.23 5.33
C MET A 211 1.10 -11.32 6.38
N ASP A 212 0.43 -11.14 7.51
CA ASP A 212 0.37 -12.20 8.54
C ASP A 212 -0.80 -13.09 8.09
N VAL A 213 -0.53 -14.35 7.78
CA VAL A 213 -1.59 -15.24 7.25
C VAL A 213 -2.64 -15.65 8.31
N LYS A 214 -2.32 -15.53 9.59
CA LYS A 214 -3.19 -15.91 10.69
C LYS A 214 -4.12 -14.81 11.16
N THR A 215 -3.70 -13.55 10.95
CA THR A 215 -4.46 -12.40 11.46
C THR A 215 -5.07 -11.47 10.40
N GLY A 216 -4.68 -11.63 9.12
CA GLY A 216 -5.09 -10.74 8.03
C GLY A 216 -4.34 -9.41 8.00
N GLU A 217 -3.41 -9.19 8.96
CA GLU A 217 -2.64 -7.93 9.07
C GLU A 217 -1.63 -7.70 7.95
N ILE A 218 -1.57 -6.45 7.47
CA ILE A 218 -0.54 -6.04 6.51
C ILE A 218 0.66 -5.60 7.36
N LEU A 219 1.70 -6.43 7.38
CA LEU A 219 2.89 -6.16 8.19
C LEU A 219 3.85 -5.19 7.52
N ALA A 220 3.83 -5.17 6.18
CA ALA A 220 4.65 -4.26 5.39
C ALA A 220 4.00 -4.02 4.04
N MET A 221 4.15 -2.79 3.53
CA MET A 221 3.61 -2.44 2.22
C MET A 221 4.50 -1.28 1.75
N THR A 222 5.38 -1.58 0.81
CA THR A 222 6.31 -0.56 0.29
C THR A 222 6.21 -0.48 -1.23
N ASN A 223 6.52 0.69 -1.79
CA ASN A 223 6.54 0.83 -3.24
C ASN A 223 7.70 1.68 -3.61
N GLN A 224 8.14 1.54 -4.86
CA GLN A 224 9.15 2.37 -5.48
C GLN A 224 8.56 2.85 -6.79
N PRO A 225 8.77 4.13 -7.17
CA PRO A 225 9.48 5.17 -6.39
C PRO A 225 8.64 5.63 -5.19
N THR A 226 9.31 6.23 -4.20
CA THR A 226 8.66 6.80 -3.02
C THR A 226 9.02 8.30 -2.91
N TYR A 227 8.59 8.96 -1.84
CA TYR A 227 8.81 10.40 -1.69
C TYR A 227 8.93 10.71 -0.19
N ASN A 228 9.49 11.88 0.13
CA ASN A 228 9.57 12.33 1.51
C ASN A 228 8.28 13.13 1.80
N PRO A 229 7.34 12.61 2.65
CA PRO A 229 6.10 13.35 2.94
C PRO A 229 6.32 14.62 3.78
N ASN A 230 7.52 14.79 4.33
CA ASN A 230 7.89 15.96 5.12
C ASN A 230 8.34 17.12 4.22
N ASN A 231 8.67 16.83 2.96
CA ASN A 231 9.10 17.83 2.01
C ASN A 231 8.45 17.54 0.66
N ARG A 232 7.16 17.86 0.56
CA ARG A 232 6.39 17.60 -0.65
C ARG A 232 6.43 18.77 -1.66
N ARG A 233 7.50 19.58 -1.64
CA ARG A 233 7.66 20.69 -2.58
C ARG A 233 7.81 20.14 -3.99
N ASN A 234 6.81 20.47 -4.86
CA ASN A 234 6.64 20.04 -6.25
C ASN A 234 6.54 18.51 -6.28
N LEU A 235 7.59 17.84 -6.79
CA LEU A 235 7.81 16.39 -6.84
C LEU A 235 6.65 15.55 -7.48
N GLN A 236 7.10 14.69 -8.38
CA GLN A 236 6.39 13.81 -9.28
C GLN A 236 5.17 13.03 -8.68
N PRO A 237 4.04 13.04 -9.45
CA PRO A 237 2.85 12.27 -9.05
C PRO A 237 3.05 10.75 -9.10
N ALA A 238 3.96 10.25 -9.97
CA ALA A 238 4.34 8.84 -10.07
C ALA A 238 4.93 8.33 -8.74
N ALA A 239 5.71 9.19 -8.02
CA ALA A 239 6.33 8.84 -6.73
C ALA A 239 5.32 8.73 -5.59
N MET A 240 4.16 9.39 -5.67
CA MET A 240 3.17 9.36 -4.60
C MET A 240 2.14 8.22 -4.67
N ARG A 241 2.14 7.45 -5.76
CA ARG A 241 1.19 6.35 -5.95
C ARG A 241 1.45 5.16 -5.03
N ASN A 242 0.43 4.74 -4.22
CA ASN A 242 0.55 3.54 -3.41
C ASN A 242 0.22 2.39 -4.40
N ARG A 243 1.20 2.06 -5.23
CA ARG A 243 1.10 1.06 -6.32
C ARG A 243 0.52 -0.29 -5.88
N ALA A 244 0.88 -0.75 -4.64
CA ALA A 244 0.41 -2.02 -4.10
C ALA A 244 -1.11 -2.10 -4.06
N MET A 245 -1.77 -0.93 -3.94
CA MET A 245 -3.21 -0.83 -3.85
C MET A 245 -3.92 -0.16 -5.03
N ILE A 246 -3.23 0.72 -5.76
CA ILE A 246 -3.90 1.52 -6.79
C ILE A 246 -3.45 1.16 -8.22
N ASP A 247 -2.45 0.29 -8.37
CA ASP A 247 -1.99 -0.16 -9.68
C ASP A 247 -2.51 -1.60 -9.90
N VAL A 248 -3.00 -1.89 -11.11
CA VAL A 248 -3.49 -3.24 -11.45
C VAL A 248 -2.53 -3.88 -12.44
N PHE A 249 -2.42 -5.21 -12.41
CA PHE A 249 -1.54 -5.91 -13.33
C PHE A 249 -2.08 -7.31 -13.60
N GLU A 250 -1.58 -7.93 -14.68
CA GLU A 250 -1.92 -9.32 -14.95
C GLU A 250 -1.03 -10.21 -14.09
N PRO A 251 -1.62 -11.08 -13.25
CA PRO A 251 -0.80 -11.89 -12.31
C PRO A 251 -0.08 -13.05 -13.01
N GLY A 252 -0.54 -13.41 -14.21
CA GLY A 252 0.09 -14.48 -14.96
C GLY A 252 0.23 -15.78 -14.19
N SER A 253 1.44 -16.39 -14.25
CA SER A 253 1.71 -17.73 -13.68
C SER A 253 1.53 -17.82 -12.14
N THR A 254 1.51 -16.68 -11.43
CA THR A 254 1.26 -16.68 -9.98
C THR A 254 -0.18 -17.14 -9.61
N VAL A 255 -1.13 -17.17 -10.55
CA VAL A 255 -2.47 -17.69 -10.21
C VAL A 255 -2.63 -19.18 -10.50
N LYS A 256 -1.63 -19.80 -11.16
CA LYS A 256 -1.68 -21.26 -11.44
C LYS A 256 -1.98 -22.12 -10.17
N PRO A 257 -1.49 -21.79 -8.95
CA PRO A 257 -1.88 -22.57 -7.76
C PRO A 257 -3.38 -22.54 -7.47
N PHE A 258 -4.09 -21.47 -7.88
CA PHE A 258 -5.54 -21.41 -7.68
C PHE A 258 -6.24 -22.28 -8.71
N SER A 259 -5.72 -22.33 -9.96
CA SER A 259 -6.24 -23.24 -11.01
C SER A 259 -6.00 -24.68 -10.53
N MET A 260 -4.84 -24.95 -9.90
CA MET A 260 -4.51 -26.26 -9.38
C MET A 260 -5.45 -26.64 -8.24
N SER A 261 -5.77 -25.68 -7.35
CA SER A 261 -6.71 -25.90 -6.25
C SER A 261 -8.06 -26.38 -6.82
N ALA A 262 -8.55 -25.72 -7.88
CA ALA A 262 -9.82 -26.12 -8.51
C ALA A 262 -9.69 -27.55 -9.07
N ALA A 263 -8.54 -27.87 -9.72
CA ALA A 263 -8.26 -29.18 -10.28
C ALA A 263 -8.32 -30.28 -9.20
N LEU A 264 -7.64 -30.06 -8.08
CA LEU A 264 -7.62 -31.03 -6.99
C LEU A 264 -8.96 -31.16 -6.27
N ALA A 265 -9.74 -30.08 -6.22
CA ALA A 265 -11.07 -30.09 -5.57
C ALA A 265 -12.13 -30.73 -6.46
N SER A 266 -11.85 -30.88 -7.78
CA SER A 266 -12.83 -31.39 -8.74
C SER A 266 -13.11 -32.88 -8.61
N GLY A 267 -12.18 -33.61 -8.00
CA GLY A 267 -12.27 -35.06 -7.88
C GLY A 267 -11.67 -35.78 -9.07
N ARG A 268 -11.19 -35.02 -10.06
CA ARG A 268 -10.64 -35.58 -11.31
C ARG A 268 -9.16 -35.59 -11.42
N TRP A 269 -8.45 -34.95 -10.48
CA TRP A 269 -7.00 -34.81 -10.55
C TRP A 269 -6.31 -35.07 -9.23
N LYS A 270 -5.15 -35.71 -9.31
CA LYS A 270 -4.25 -35.97 -8.17
C LYS A 270 -2.86 -35.48 -8.59
N PRO A 271 -1.98 -35.08 -7.65
CA PRO A 271 -0.67 -34.52 -8.07
C PRO A 271 0.17 -35.41 -8.96
N SER A 272 0.05 -36.75 -8.85
CA SER A 272 0.81 -37.68 -9.67
C SER A 272 0.19 -37.92 -11.06
N ASP A 273 -0.99 -37.32 -11.36
CA ASP A 273 -1.57 -37.41 -12.71
C ASP A 273 -0.63 -36.71 -13.69
N ILE A 274 -0.65 -37.14 -14.95
CA ILE A 274 0.24 -36.66 -15.99
C ILE A 274 -0.54 -35.94 -17.09
N VAL A 275 0.08 -34.89 -17.65
CA VAL A 275 -0.47 -34.15 -18.75
C VAL A 275 0.63 -34.12 -19.81
N ASP A 276 0.28 -34.35 -21.06
CA ASP A 276 1.23 -34.29 -22.16
C ASP A 276 1.21 -32.85 -22.71
N VAL A 277 2.35 -32.14 -22.58
CA VAL A 277 2.46 -30.74 -23.02
C VAL A 277 3.25 -30.60 -24.33
N TYR A 278 3.66 -31.70 -24.94
CA TYR A 278 4.39 -31.68 -26.22
C TYR A 278 3.45 -31.07 -27.30
N PRO A 279 3.97 -30.26 -28.23
CA PRO A 279 5.35 -29.78 -28.38
C PRO A 279 5.65 -28.43 -27.73
N GLY A 280 4.97 -28.11 -26.62
CA GLY A 280 5.21 -26.84 -25.93
C GLY A 280 4.32 -25.70 -26.41
N THR A 281 3.38 -26.01 -27.29
CA THR A 281 2.39 -25.07 -27.82
C THR A 281 1.05 -25.84 -27.97
N LEU A 282 -0.06 -25.11 -28.02
CA LEU A 282 -1.37 -25.71 -28.18
C LEU A 282 -2.26 -24.74 -28.94
N GLN A 283 -2.70 -25.13 -30.14
CA GLN A 283 -3.56 -24.29 -30.96
C GLN A 283 -5.02 -24.45 -30.57
N ILE A 284 -5.71 -23.34 -30.34
CA ILE A 284 -7.14 -23.29 -30.07
C ILE A 284 -7.73 -22.24 -31.02
N GLY A 285 -8.06 -22.71 -32.23
CA GLY A 285 -8.54 -21.85 -33.31
C GLY A 285 -7.44 -20.94 -33.80
N ARG A 286 -7.65 -19.62 -33.70
CA ARG A 286 -6.67 -18.61 -34.09
C ARG A 286 -5.64 -18.28 -33.00
N TYR A 287 -5.89 -18.75 -31.75
CA TYR A 287 -4.99 -18.48 -30.62
C TYR A 287 -4.06 -19.66 -30.37
N THR A 288 -2.83 -19.36 -29.99
CA THR A 288 -1.82 -20.38 -29.66
C THR A 288 -1.36 -20.19 -28.25
N ILE A 289 -1.52 -21.22 -27.42
CA ILE A 289 -1.02 -21.19 -26.04
C ILE A 289 0.47 -21.58 -26.19
N ARG A 290 1.38 -20.85 -25.56
CA ARG A 290 2.80 -21.11 -25.71
C ARG A 290 3.52 -21.23 -24.36
N ASP A 291 4.39 -22.23 -24.26
CA ASP A 291 5.22 -22.42 -23.07
C ASP A 291 6.57 -21.73 -23.28
N VAL A 292 7.27 -21.35 -22.20
CA VAL A 292 8.61 -20.75 -22.31
C VAL A 292 9.64 -21.79 -22.73
N SER A 293 9.67 -22.93 -22.04
CA SER A 293 10.57 -24.04 -22.33
C SER A 293 9.68 -25.03 -23.05
N ARG A 294 10.11 -25.52 -24.20
CA ARG A 294 9.27 -26.39 -25.00
C ARG A 294 9.96 -27.71 -25.30
N ASN A 295 10.58 -28.30 -24.28
CA ASN A 295 11.25 -29.59 -24.38
C ASN A 295 10.66 -30.61 -23.42
N SER A 296 9.34 -30.58 -23.24
CA SER A 296 8.65 -31.52 -22.38
C SER A 296 7.57 -32.24 -23.14
N ARG A 297 7.22 -33.41 -22.63
CA ARG A 297 6.10 -34.19 -23.11
C ARG A 297 5.26 -34.44 -21.84
N GLN A 298 5.48 -35.55 -21.13
CA GLN A 298 4.72 -35.83 -19.91
C GLN A 298 5.27 -35.06 -18.71
N LEU A 299 4.37 -34.37 -18.03
CA LEU A 299 4.64 -33.64 -16.78
C LEU A 299 3.58 -34.01 -15.77
N ASP A 300 3.96 -34.21 -14.52
CA ASP A 300 2.95 -34.41 -13.48
C ASP A 300 2.47 -33.02 -13.02
N LEU A 301 1.46 -32.94 -12.15
CA LEU A 301 0.90 -31.64 -11.77
C LEU A 301 1.91 -30.73 -11.08
N THR A 302 2.78 -31.29 -10.24
CA THR A 302 3.86 -30.51 -9.62
C THR A 302 4.84 -30.01 -10.70
N GLY A 303 5.12 -30.86 -11.69
CA GLY A 303 5.99 -30.50 -12.78
C GLY A 303 5.44 -29.35 -13.61
N ILE A 304 4.09 -29.30 -13.78
CA ILE A 304 3.47 -28.20 -14.53
C ILE A 304 3.76 -26.88 -13.84
N LEU A 305 3.74 -26.86 -12.51
CA LEU A 305 4.04 -25.65 -11.75
C LEU A 305 5.54 -25.37 -11.75
N ILE A 306 6.40 -26.40 -11.57
CA ILE A 306 7.87 -26.21 -11.60
C ILE A 306 8.33 -25.63 -12.94
N LYS A 307 7.84 -26.20 -14.04
CA LYS A 307 8.18 -25.76 -15.39
C LYS A 307 7.34 -24.56 -15.86
N SER A 308 6.32 -24.19 -15.07
CA SER A 308 5.35 -23.12 -15.36
C SER A 308 4.76 -23.33 -16.78
N SER A 309 4.18 -24.53 -17.00
CA SER A 309 3.65 -24.80 -18.32
C SER A 309 2.23 -24.24 -18.47
N ASN A 310 2.07 -23.25 -19.38
CA ASN A 310 0.77 -22.69 -19.77
C ASN A 310 -0.05 -23.77 -20.46
N VAL A 311 0.59 -24.59 -21.32
CA VAL A 311 -0.10 -25.69 -22.01
C VAL A 311 -0.69 -26.66 -20.98
N GLY A 312 0.12 -27.06 -20.01
CA GLY A 312 -0.30 -28.01 -19.00
C GLY A 312 -1.48 -27.55 -18.17
N ILE A 313 -1.40 -26.31 -17.65
CA ILE A 313 -2.51 -25.78 -16.84
C ILE A 313 -3.77 -25.57 -17.69
N SER A 314 -3.61 -25.22 -18.99
CA SER A 314 -4.73 -25.05 -19.94
C SER A 314 -5.48 -26.37 -20.18
N LYS A 315 -4.74 -27.49 -20.34
CA LYS A 315 -5.38 -28.80 -20.54
C LYS A 315 -6.16 -29.23 -19.32
N ILE A 316 -5.60 -28.94 -18.13
CA ILE A 316 -6.32 -29.22 -16.87
C ILE A 316 -7.61 -28.36 -16.84
N ALA A 317 -7.49 -27.08 -17.19
CA ALA A 317 -8.63 -26.15 -17.21
C ALA A 317 -9.72 -26.60 -18.15
N PHE A 318 -9.36 -27.14 -19.33
CA PHE A 318 -10.39 -27.65 -20.26
C PHE A 318 -11.15 -28.81 -19.64
N ASP A 319 -10.44 -29.68 -18.92
CA ASP A 319 -11.02 -30.84 -18.30
C ASP A 319 -12.00 -30.48 -17.16
N ILE A 320 -11.63 -29.57 -16.28
CA ILE A 320 -12.45 -29.21 -15.12
C ILE A 320 -13.47 -28.10 -15.40
N GLY A 321 -13.22 -27.32 -16.45
CA GLY A 321 -14.07 -26.19 -16.78
C GLY A 321 -13.63 -24.91 -16.07
N ALA A 322 -13.75 -23.77 -16.78
CA ALA A 322 -13.35 -22.47 -16.24
C ALA A 322 -14.18 -22.02 -15.02
N GLU A 323 -15.46 -22.44 -14.92
CA GLU A 323 -16.32 -22.03 -13.78
C GLU A 323 -15.69 -22.36 -12.41
N SER A 324 -15.16 -23.56 -12.29
CA SER A 324 -14.49 -24.01 -11.06
C SER A 324 -13.27 -23.15 -10.73
N ILE A 325 -12.52 -22.71 -11.76
CA ILE A 325 -11.32 -21.90 -11.58
C ILE A 325 -11.69 -20.48 -11.19
N TYR A 326 -12.64 -19.89 -11.92
CA TYR A 326 -13.14 -18.55 -11.66
C TYR A 326 -13.61 -18.46 -10.20
N SER A 327 -14.34 -19.50 -9.72
CA SER A 327 -14.89 -19.53 -8.37
C SER A 327 -13.79 -19.49 -7.32
N VAL A 328 -12.72 -20.31 -7.46
CA VAL A 328 -11.60 -20.27 -6.52
C VAL A 328 -10.97 -18.84 -6.50
N MET A 329 -10.69 -18.29 -7.70
CA MET A 329 -10.05 -16.97 -7.79
C MET A 329 -10.93 -15.87 -7.18
N GLN A 330 -12.24 -15.94 -7.41
CA GLN A 330 -13.18 -14.97 -6.85
C GLN A 330 -13.21 -15.12 -5.34
N GLN A 331 -13.25 -16.36 -4.84
CA GLN A 331 -13.32 -16.66 -3.40
C GLN A 331 -12.07 -16.22 -2.62
N VAL A 332 -10.89 -16.29 -3.25
CA VAL A 332 -9.63 -15.86 -2.58
C VAL A 332 -9.44 -14.32 -2.72
N GLY A 333 -10.34 -13.65 -3.46
CA GLY A 333 -10.37 -12.18 -3.57
C GLY A 333 -9.71 -11.53 -4.77
N LEU A 334 -9.30 -12.32 -5.78
CA LEU A 334 -8.66 -11.73 -6.97
C LEU A 334 -9.68 -10.95 -7.77
N GLY A 335 -9.38 -9.69 -8.09
CA GLY A 335 -10.32 -8.83 -8.81
C GLY A 335 -11.57 -8.47 -8.01
N GLN A 336 -11.51 -8.64 -6.67
CA GLN A 336 -12.64 -8.35 -5.78
C GLN A 336 -12.27 -7.22 -4.81
N ASP A 337 -13.28 -6.50 -4.33
CA ASP A 337 -13.10 -5.43 -3.34
C ASP A 337 -12.51 -6.03 -2.04
N THR A 338 -11.39 -5.46 -1.55
CA THR A 338 -10.72 -5.94 -0.31
C THR A 338 -11.46 -5.49 0.96
N GLY A 339 -12.33 -4.48 0.81
CA GLY A 339 -13.08 -3.87 1.90
C GLY A 339 -12.24 -2.94 2.77
N LEU A 340 -10.95 -2.69 2.36
CA LEU A 340 -10.06 -1.81 3.12
C LEU A 340 -10.45 -0.34 3.06
N GLY A 341 -11.05 0.09 1.95
CA GLY A 341 -11.48 1.47 1.75
C GLY A 341 -10.34 2.45 1.65
N PHE A 342 -9.19 2.02 1.13
CA PHE A 342 -8.04 2.91 0.98
C PHE A 342 -8.36 3.84 -0.19
N PRO A 343 -7.99 5.12 -0.07
CA PRO A 343 -8.28 6.07 -1.17
C PRO A 343 -7.65 5.67 -2.51
N GLY A 344 -8.48 5.62 -3.54
CA GLY A 344 -8.05 5.27 -4.88
C GLY A 344 -7.74 3.79 -5.09
N GLU A 345 -8.05 2.94 -4.10
CA GLU A 345 -7.81 1.50 -4.17
C GLU A 345 -8.59 0.91 -5.33
N ARG A 346 -7.90 0.12 -6.17
CA ARG A 346 -8.49 -0.50 -7.35
C ARG A 346 -8.95 -1.92 -7.04
N VAL A 347 -10.03 -2.33 -7.72
CA VAL A 347 -10.67 -3.63 -7.57
C VAL A 347 -10.10 -4.60 -8.63
N GLY A 348 -9.65 -4.05 -9.76
CA GLY A 348 -9.15 -4.86 -10.87
C GLY A 348 -10.30 -5.54 -11.59
N ASN A 349 -10.05 -6.71 -12.21
CA ASN A 349 -11.11 -7.43 -12.92
C ASN A 349 -10.81 -8.88 -13.12
N LEU A 350 -11.78 -9.72 -12.78
CA LEU A 350 -11.73 -11.16 -13.00
C LEU A 350 -12.83 -11.35 -14.02
N PRO A 351 -12.50 -11.55 -15.31
CA PRO A 351 -13.54 -11.65 -16.35
C PRO A 351 -14.47 -12.83 -16.12
N ASN A 352 -15.73 -12.68 -16.53
CA ASN A 352 -16.72 -13.74 -16.41
C ASN A 352 -17.49 -13.91 -17.69
N HIS A 353 -18.05 -15.12 -17.88
CA HIS A 353 -18.83 -15.48 -19.07
C HIS A 353 -19.96 -16.39 -18.61
N ARG A 354 -21.03 -16.45 -19.37
CA ARG A 354 -22.11 -17.39 -19.11
C ARG A 354 -21.59 -18.73 -19.66
N LYS A 355 -21.04 -18.71 -20.89
CA LYS A 355 -20.43 -19.86 -21.54
C LYS A 355 -18.98 -19.50 -21.79
N TRP A 356 -18.05 -20.20 -21.15
CA TRP A 356 -16.63 -19.92 -21.29
C TRP A 356 -16.09 -20.52 -22.59
N PRO A 357 -15.61 -19.69 -23.54
CA PRO A 357 -14.96 -20.28 -24.72
C PRO A 357 -13.60 -20.88 -24.30
N LYS A 358 -13.07 -21.76 -25.14
CA LYS A 358 -11.82 -22.47 -24.89
C LYS A 358 -10.62 -21.54 -24.69
N ALA A 359 -10.44 -20.49 -25.54
CA ALA A 359 -9.32 -19.55 -25.36
C ALA A 359 -9.36 -18.83 -24.02
N GLU A 360 -10.54 -18.37 -23.61
CA GLU A 360 -10.75 -17.66 -22.34
C GLU A 360 -10.57 -18.57 -21.14
N THR A 361 -10.93 -19.88 -21.27
CA THR A 361 -10.73 -20.86 -20.21
C THR A 361 -9.23 -21.00 -19.93
N ALA A 362 -8.43 -21.14 -21.00
CA ALA A 362 -6.98 -21.31 -20.89
C ALA A 362 -6.31 -20.06 -20.31
N THR A 363 -6.60 -18.87 -20.84
CA THR A 363 -5.97 -17.63 -20.38
C THR A 363 -6.30 -17.33 -18.93
N LEU A 364 -7.55 -17.63 -18.49
CA LEU A 364 -7.92 -17.47 -17.08
C LEU A 364 -7.01 -18.34 -16.21
N ALA A 365 -6.85 -19.63 -16.59
CA ALA A 365 -6.05 -20.61 -15.88
C ALA A 365 -4.62 -20.18 -15.67
N TYR A 366 -4.03 -19.47 -16.65
CA TYR A 366 -2.65 -19.02 -16.48
C TYR A 366 -2.51 -17.49 -16.25
N GLY A 367 -3.59 -16.85 -15.77
CA GLY A 367 -3.53 -15.46 -15.33
C GLY A 367 -3.34 -14.39 -16.37
N TYR A 368 -3.73 -14.67 -17.60
CA TYR A 368 -3.67 -13.70 -18.69
C TYR A 368 -5.06 -13.06 -18.82
N GLY A 369 -5.09 -11.75 -19.01
CA GLY A 369 -6.35 -11.03 -19.19
C GLY A 369 -7.16 -10.77 -17.94
N LEU A 370 -6.58 -11.02 -16.76
CA LEU A 370 -7.25 -10.65 -15.52
C LEU A 370 -6.36 -9.62 -14.85
N SER A 371 -6.94 -8.72 -14.07
CA SER A 371 -6.12 -7.66 -13.46
C SER A 371 -6.37 -7.67 -11.98
N VAL A 372 -5.29 -7.64 -11.21
CA VAL A 372 -5.33 -7.69 -9.76
C VAL A 372 -4.32 -6.67 -9.21
N THR A 373 -4.37 -6.44 -7.89
CA THR A 373 -3.41 -5.57 -7.20
C THR A 373 -2.49 -6.48 -6.40
N ALA A 374 -1.34 -5.94 -5.99
CA ALA A 374 -0.37 -6.69 -5.17
C ALA A 374 -1.00 -7.10 -3.85
N ILE A 375 -1.85 -6.22 -3.26
CA ILE A 375 -2.57 -6.52 -2.02
C ILE A 375 -3.50 -7.72 -2.22
N GLN A 376 -4.25 -7.72 -3.33
CA GLN A 376 -5.14 -8.85 -3.62
C GLN A 376 -4.34 -10.15 -3.75
N LEU A 377 -3.26 -10.09 -4.53
CA LEU A 377 -2.45 -11.31 -4.72
C LEU A 377 -1.91 -11.83 -3.40
N ALA A 378 -1.42 -10.92 -2.51
CA ALA A 378 -0.88 -11.34 -1.21
C ALA A 378 -1.98 -11.94 -0.35
N HIS A 379 -3.18 -11.33 -0.38
CA HIS A 379 -4.32 -11.84 0.39
C HIS A 379 -4.71 -13.25 -0.05
N ALA A 380 -4.67 -13.52 -1.37
CA ALA A 380 -5.01 -14.83 -1.94
C ALA A 380 -3.99 -15.87 -1.48
N TYR A 381 -2.69 -15.51 -1.50
CA TYR A 381 -1.65 -16.43 -1.03
C TYR A 381 -1.77 -16.64 0.46
N ALA A 382 -2.21 -15.60 1.21
CA ALA A 382 -2.40 -15.76 2.66
C ALA A 382 -3.48 -16.82 2.95
N ALA A 383 -4.59 -16.80 2.16
CA ALA A 383 -5.66 -17.80 2.32
C ALA A 383 -5.13 -19.19 2.05
N LEU A 384 -4.36 -19.35 0.96
CA LEU A 384 -3.78 -20.64 0.63
C LEU A 384 -2.82 -21.13 1.74
N ALA A 385 -1.95 -20.23 2.24
CA ALA A 385 -1.00 -20.54 3.31
C ALA A 385 -1.71 -20.89 4.64
N ASN A 386 -2.82 -20.19 4.94
CA ASN A 386 -3.58 -20.39 6.17
C ASN A 386 -4.55 -21.59 6.04
N ASP A 387 -4.07 -22.69 5.43
CA ASP A 387 -4.84 -23.93 5.20
C ASP A 387 -6.20 -23.69 4.54
N GLY A 388 -6.23 -22.76 3.60
CA GLY A 388 -7.43 -22.43 2.82
C GLY A 388 -8.38 -21.47 3.46
N LYS A 389 -8.06 -20.97 4.67
CA LYS A 389 -8.94 -20.05 5.38
C LYS A 389 -8.51 -18.58 5.16
N SER A 390 -9.42 -17.75 4.64
CA SER A 390 -9.16 -16.33 4.41
C SER A 390 -9.55 -15.48 5.62
N VAL A 391 -8.57 -14.83 6.27
CA VAL A 391 -8.82 -13.95 7.41
C VAL A 391 -8.99 -12.54 6.82
N PRO A 392 -10.05 -11.77 7.18
CA PRO A 392 -10.23 -10.41 6.59
C PRO A 392 -8.98 -9.52 6.69
N LEU A 393 -8.68 -8.74 5.63
CA LEU A 393 -7.52 -7.85 5.60
C LEU A 393 -7.64 -6.73 6.60
N SER A 394 -6.49 -6.27 7.14
CA SER A 394 -6.49 -5.14 8.07
C SER A 394 -5.23 -4.32 7.91
N MET A 395 -5.38 -2.99 7.93
CA MET A 395 -4.25 -2.06 7.94
C MET A 395 -4.02 -1.55 9.37
N THR A 396 -4.85 -1.98 10.32
CA THR A 396 -4.71 -1.62 11.74
C THR A 396 -4.37 -2.84 12.57
N ARG A 397 -3.69 -2.62 13.73
CA ARG A 397 -3.28 -3.69 14.62
C ARG A 397 -4.50 -4.51 15.03
N VAL A 398 -4.43 -5.83 14.86
CA VAL A 398 -5.51 -6.75 15.17
C VAL A 398 -5.21 -7.42 16.52
N ASP A 399 -6.06 -7.12 17.53
CA ASP A 399 -5.96 -7.71 18.87
C ASP A 399 -6.87 -8.92 18.94
N ARG A 400 -8.13 -8.77 18.46
CA ARG A 400 -9.10 -9.86 18.41
C ARG A 400 -9.27 -10.19 16.95
N VAL A 401 -8.79 -11.38 16.58
CA VAL A 401 -8.82 -11.83 15.22
C VAL A 401 -10.23 -12.23 14.79
N PRO A 402 -10.77 -11.61 13.71
CA PRO A 402 -12.12 -11.99 13.25
C PRO A 402 -12.11 -13.41 12.68
N ASP A 403 -13.29 -14.05 12.63
CA ASP A 403 -13.39 -15.39 12.05
C ASP A 403 -13.02 -15.31 10.58
N GLY A 404 -12.32 -16.32 10.09
CA GLY A 404 -11.96 -16.40 8.69
C GLY A 404 -13.03 -17.18 7.94
N VAL A 405 -12.93 -17.21 6.60
CA VAL A 405 -13.87 -17.98 5.78
C VAL A 405 -13.07 -19.08 5.13
N GLN A 406 -13.53 -20.34 5.21
CA GLN A 406 -12.85 -21.46 4.55
C GLN A 406 -13.18 -21.36 3.05
N VAL A 407 -12.18 -20.93 2.23
CA VAL A 407 -12.38 -20.67 0.80
C VAL A 407 -11.90 -21.84 -0.05
N ILE A 408 -10.92 -22.63 0.45
CA ILE A 408 -10.35 -23.80 -0.21
C ILE A 408 -10.35 -24.83 0.90
N SER A 409 -10.68 -26.08 0.58
CA SER A 409 -10.70 -27.10 1.63
C SER A 409 -9.30 -27.29 2.21
N PRO A 410 -9.20 -27.55 3.54
CA PRO A 410 -7.86 -27.69 4.14
C PRO A 410 -6.97 -28.74 3.48
N GLU A 411 -7.53 -29.89 3.02
CA GLU A 411 -6.74 -30.93 2.36
C GLU A 411 -6.18 -30.40 1.01
N VAL A 412 -7.03 -29.77 0.21
CA VAL A 412 -6.61 -29.22 -1.07
C VAL A 412 -5.54 -28.14 -0.83
N ALA A 413 -5.77 -27.22 0.12
CA ALA A 413 -4.80 -26.16 0.42
C ALA A 413 -3.45 -26.75 0.85
N SER A 414 -3.48 -27.79 1.69
CA SER A 414 -2.30 -28.48 2.16
C SER A 414 -1.54 -29.16 1.01
N THR A 415 -2.28 -29.78 0.05
CA THR A 415 -1.63 -30.41 -1.09
C THR A 415 -0.92 -29.33 -1.98
N VAL A 416 -1.65 -28.23 -2.27
CA VAL A 416 -1.11 -27.13 -3.08
C VAL A 416 0.13 -26.50 -2.38
N GLN A 417 0.06 -26.33 -1.04
CA GLN A 417 1.20 -25.82 -0.27
C GLN A 417 2.45 -26.69 -0.51
N GLY A 418 2.30 -28.02 -0.45
CA GLY A 418 3.39 -28.97 -0.69
C GLY A 418 3.95 -28.85 -2.10
N MET A 419 3.07 -28.66 -3.10
CA MET A 419 3.48 -28.51 -4.50
C MET A 419 4.30 -27.23 -4.66
N LEU A 420 3.87 -26.15 -3.98
CA LEU A 420 4.58 -24.86 -4.03
C LEU A 420 5.91 -24.92 -3.30
N GLN A 421 6.04 -25.82 -2.31
CA GLN A 421 7.34 -25.98 -1.63
C GLN A 421 8.28 -26.66 -2.62
N GLN A 422 7.73 -27.59 -3.42
CA GLN A 422 8.51 -28.28 -4.46
C GLN A 422 8.88 -27.33 -5.59
N VAL A 423 8.01 -26.35 -5.91
CA VAL A 423 8.37 -25.33 -6.93
C VAL A 423 9.66 -24.64 -6.50
N VAL A 424 9.79 -24.32 -5.21
CA VAL A 424 10.95 -23.63 -4.66
C VAL A 424 12.16 -24.57 -4.44
N GLU A 425 11.92 -25.77 -3.92
CA GLU A 425 13.00 -26.68 -3.47
C GLU A 425 13.44 -27.78 -4.41
N ALA A 426 12.56 -28.24 -5.32
CA ALA A 426 12.86 -29.37 -6.21
C ALA A 426 13.91 -29.06 -7.24
N GLN A 427 14.51 -30.11 -7.84
CA GLN A 427 15.48 -29.95 -8.92
C GLN A 427 14.78 -29.26 -10.07
N GLY A 428 15.43 -28.22 -10.61
CA GLY A 428 14.86 -27.41 -11.69
C GLY A 428 13.88 -26.34 -11.21
N GLY A 429 13.74 -26.21 -9.89
CA GLY A 429 12.82 -25.26 -9.28
C GLY A 429 13.36 -23.84 -9.18
N VAL A 430 12.57 -22.95 -8.54
CA VAL A 430 12.90 -21.52 -8.38
C VAL A 430 13.84 -21.42 -7.16
N PHE A 431 15.08 -21.92 -7.31
CA PHE A 431 16.05 -22.01 -6.21
C PHE A 431 16.37 -20.68 -5.54
N ARG A 432 16.29 -19.55 -6.28
CA ARG A 432 16.59 -18.22 -5.72
C ARG A 432 15.56 -17.77 -4.64
N ALA A 433 14.39 -18.44 -4.57
CA ALA A 433 13.39 -18.12 -3.55
C ALA A 433 13.65 -18.87 -2.24
N GLN A 434 14.61 -19.83 -2.24
CA GLN A 434 14.94 -20.57 -1.02
C GLN A 434 15.30 -19.65 0.13
N VAL A 435 14.71 -19.92 1.30
CA VAL A 435 14.93 -19.08 2.48
C VAL A 435 15.87 -19.84 3.41
N PRO A 436 17.07 -19.33 3.68
CA PRO A 436 18.01 -20.06 4.57
C PRO A 436 17.41 -20.35 5.96
N GLY A 437 17.42 -21.62 6.34
CA GLY A 437 16.91 -22.12 7.61
C GLY A 437 15.47 -22.56 7.64
N TYR A 438 14.71 -22.25 6.56
CA TYR A 438 13.29 -22.54 6.48
C TYR A 438 12.90 -23.25 5.20
N HIS A 439 11.72 -23.85 5.21
CA HIS A 439 11.13 -24.42 4.03
C HIS A 439 10.22 -23.28 3.55
N ALA A 440 10.31 -22.91 2.29
CA ALA A 440 9.48 -21.82 1.73
C ALA A 440 8.76 -22.38 0.52
N ALA A 441 7.68 -21.72 0.13
CA ALA A 441 6.81 -22.17 -0.95
C ALA A 441 6.32 -20.96 -1.71
N GLY A 442 6.17 -21.10 -3.01
CA GLY A 442 5.69 -20.00 -3.81
C GLY A 442 5.77 -20.25 -5.28
N LYS A 443 5.42 -19.24 -6.06
CA LYS A 443 5.41 -19.34 -7.51
C LYS A 443 5.80 -18.00 -8.10
N SER A 444 6.70 -18.03 -9.09
CA SER A 444 7.04 -16.79 -9.80
C SER A 444 6.18 -16.63 -11.04
N GLY A 445 6.19 -15.42 -11.57
CA GLY A 445 5.45 -15.08 -12.77
C GLY A 445 6.21 -14.02 -13.56
N THR A 446 5.98 -14.01 -14.88
CA THR A 446 6.58 -13.02 -15.79
C THR A 446 5.47 -12.64 -16.74
N ALA A 447 5.02 -11.39 -16.70
CA ALA A 447 3.96 -10.92 -17.57
C ALA A 447 4.53 -9.92 -18.58
N ARG A 448 4.21 -10.12 -19.86
CA ARG A 448 4.62 -9.23 -20.95
C ARG A 448 3.54 -8.15 -20.97
N LYS A 449 3.91 -6.88 -20.79
CA LYS A 449 2.94 -5.78 -20.79
C LYS A 449 2.93 -5.05 -22.11
N ASN A 460 9.52 -4.94 -26.06
CA ASN A 460 9.05 -5.87 -25.04
C ASN A 460 9.32 -5.39 -23.61
N ALA A 461 8.23 -5.10 -22.87
CA ALA A 461 8.26 -4.62 -21.49
C ALA A 461 7.64 -5.72 -20.55
N TYR A 462 8.26 -5.94 -19.37
CA TYR A 462 7.81 -7.00 -18.47
C TYR A 462 7.52 -6.58 -17.07
N ARG A 463 6.72 -7.39 -16.38
CA ARG A 463 6.50 -7.25 -14.95
C ARG A 463 6.97 -8.57 -14.35
N SER A 464 7.90 -8.51 -13.38
CA SER A 464 8.46 -9.71 -12.73
C SER A 464 7.78 -9.91 -11.38
N LEU A 465 7.29 -11.12 -11.14
CA LEU A 465 6.52 -11.43 -9.94
C LEU A 465 7.03 -12.62 -9.17
N PHE A 466 6.85 -12.56 -7.87
CA PHE A 466 7.00 -13.71 -6.99
C PHE A 466 5.97 -13.60 -5.87
N ALA A 467 5.24 -14.69 -5.62
CA ALA A 467 4.28 -14.72 -4.53
C ALA A 467 4.54 -15.99 -3.76
N GLY A 468 4.59 -15.88 -2.44
CA GLY A 468 4.85 -17.06 -1.65
C GLY A 468 4.60 -16.89 -0.18
N PHE A 469 4.98 -17.93 0.58
CA PHE A 469 4.75 -17.95 2.03
C PHE A 469 5.75 -18.85 2.73
N ALA A 470 5.84 -18.69 4.02
CA ALA A 470 6.76 -19.48 4.82
C ALA A 470 6.42 -19.34 6.31
N PRO A 471 6.94 -20.24 7.17
CA PRO A 471 7.64 -21.51 6.88
C PRO A 471 6.63 -22.50 6.29
N ALA A 472 7.03 -23.30 5.29
CA ALA A 472 6.05 -24.22 4.67
C ALA A 472 5.39 -25.20 5.64
N THR A 473 6.08 -25.66 6.69
CA THR A 473 5.51 -26.62 7.63
C THR A 473 4.41 -26.02 8.54
N ASP A 474 4.45 -24.71 8.81
CA ASP A 474 3.47 -24.01 9.63
C ASP A 474 3.49 -22.54 9.20
N PRO A 475 2.79 -22.19 8.09
CA PRO A 475 2.92 -20.84 7.52
C PRO A 475 2.53 -19.71 8.44
N ARG A 476 3.34 -18.67 8.41
CA ARG A 476 3.14 -17.47 9.19
C ARG A 476 2.99 -16.21 8.33
N ILE A 477 3.79 -16.11 7.24
CA ILE A 477 3.86 -14.91 6.44
C ILE A 477 3.62 -15.21 4.97
N ALA A 478 2.80 -14.36 4.28
CA ALA A 478 2.67 -14.42 2.83
C ALA A 478 3.33 -13.13 2.28
N MET A 479 3.96 -13.22 1.12
CA MET A 479 4.65 -12.06 0.56
C MET A 479 4.51 -12.01 -0.94
N VAL A 480 4.35 -10.79 -1.49
CA VAL A 480 4.30 -10.60 -2.93
C VAL A 480 5.38 -9.58 -3.29
N VAL A 481 6.20 -9.87 -4.32
CA VAL A 481 7.23 -8.97 -4.85
C VAL A 481 6.88 -8.71 -6.31
N VAL A 482 6.70 -7.44 -6.67
CA VAL A 482 6.37 -7.00 -8.03
C VAL A 482 7.49 -6.03 -8.44
N ILE A 483 8.18 -6.33 -9.53
CA ILE A 483 9.24 -5.47 -10.08
C ILE A 483 8.77 -5.12 -11.49
N ASP A 484 8.50 -3.82 -11.68
CA ASP A 484 7.99 -3.30 -12.93
C ASP A 484 9.08 -2.84 -13.87
N GLU A 485 9.09 -3.46 -15.07
CA GLU A 485 10.01 -3.16 -16.18
C GLU A 485 11.51 -3.27 -15.79
N PRO A 486 11.98 -4.46 -15.35
CA PRO A 486 13.44 -4.63 -15.15
C PRO A 486 14.08 -4.45 -16.54
N SER A 487 15.20 -3.74 -16.60
CA SER A 487 15.82 -3.37 -17.87
C SER A 487 17.12 -4.10 -18.20
N LYS A 488 17.57 -5.03 -17.34
CA LYS A 488 18.77 -5.84 -17.63
C LYS A 488 18.32 -7.11 -18.35
N ALA A 489 19.28 -7.92 -18.87
CA ALA A 489 19.04 -9.16 -19.59
C ALA A 489 18.01 -10.05 -18.90
N GLY A 490 18.08 -10.11 -17.57
CA GLY A 490 17.18 -10.91 -16.76
C GLY A 490 15.85 -10.24 -16.46
N TYR A 491 14.76 -10.88 -16.85
CA TYR A 491 13.45 -10.29 -16.60
C TYR A 491 12.47 -11.24 -15.96
N PHE A 492 12.76 -12.55 -16.01
CA PHE A 492 11.86 -13.55 -15.46
C PHE A 492 11.67 -13.39 -13.95
N GLY A 493 10.44 -13.59 -13.49
CA GLY A 493 10.11 -13.51 -12.07
C GLY A 493 10.98 -14.36 -11.16
N GLY A 494 11.34 -15.56 -11.60
CA GLY A 494 12.21 -16.48 -10.87
C GLY A 494 13.63 -16.00 -10.70
N LEU A 495 14.05 -15.09 -11.58
CA LEU A 495 15.37 -14.51 -11.53
C LEU A 495 15.36 -13.15 -10.80
N VAL A 496 14.37 -12.32 -11.10
CA VAL A 496 14.29 -10.93 -10.62
C VAL A 496 13.64 -10.77 -9.26
N SER A 497 12.43 -11.36 -9.09
CA SER A 497 11.68 -11.18 -7.86
C SER A 497 11.93 -12.24 -6.78
N ALA A 498 12.25 -13.50 -7.19
CA ALA A 498 12.50 -14.58 -6.23
C ALA A 498 13.61 -14.26 -5.20
N PRO A 499 14.77 -13.69 -5.59
CA PRO A 499 15.80 -13.38 -4.56
C PRO A 499 15.36 -12.32 -3.58
N VAL A 500 14.45 -11.40 -4.00
CA VAL A 500 13.93 -10.34 -3.10
C VAL A 500 13.06 -11.02 -2.03
N PHE A 501 12.20 -11.94 -2.47
CA PHE A 501 11.38 -12.74 -1.57
C PHE A 501 12.28 -13.46 -0.57
N SER A 502 13.37 -14.13 -1.04
CA SER A 502 14.27 -14.84 -0.13
C SER A 502 14.83 -13.94 0.99
N LYS A 503 15.42 -12.80 0.62
CA LYS A 503 16.03 -11.88 1.60
C LYS A 503 15.01 -11.30 2.57
N VAL A 504 13.88 -10.83 2.05
CA VAL A 504 12.88 -10.17 2.89
C VAL A 504 12.18 -11.21 3.80
N MET A 505 11.85 -12.40 3.27
CA MET A 505 11.24 -13.47 4.06
C MET A 505 12.19 -13.90 5.18
N ALA A 506 13.49 -14.09 4.87
CA ALA A 506 14.47 -14.51 5.90
C ALA A 506 14.51 -13.46 7.04
N GLY A 507 14.57 -12.18 6.68
CA GLY A 507 14.59 -11.08 7.63
C GLY A 507 13.32 -10.99 8.46
N ALA A 508 12.15 -11.06 7.81
CA ALA A 508 10.86 -10.98 8.49
C ALA A 508 10.68 -12.14 9.49
N LEU A 509 11.01 -13.39 9.07
CA LEU A 509 10.89 -14.55 9.95
C LEU A 509 11.79 -14.39 11.19
N ARG A 510 13.02 -13.89 10.99
CA ARG A 510 13.98 -13.67 12.09
C ARG A 510 13.46 -12.57 13.04
N LEU A 511 12.93 -11.44 12.50
CA LEU A 511 12.40 -10.33 13.33
C LEU A 511 11.20 -10.76 14.16
N MET A 512 10.41 -11.70 13.62
CA MET A 512 9.22 -12.22 14.27
C MET A 512 9.50 -13.45 15.12
N ASN A 513 10.80 -13.80 15.29
CA ASN A 513 11.25 -14.94 16.11
C ASN A 513 10.57 -16.26 15.75
N VAL A 514 10.39 -16.48 14.42
CA VAL A 514 9.76 -17.69 13.93
C VAL A 514 10.83 -18.81 13.97
N PRO A 515 10.55 -19.94 14.64
CA PRO A 515 11.58 -20.99 14.72
C PRO A 515 11.86 -21.60 13.34
N PRO A 516 13.16 -21.73 12.99
CA PRO A 516 13.52 -22.39 11.72
C PRO A 516 12.90 -23.79 11.63
N ASP A 517 12.35 -24.15 10.46
CA ASP A 517 11.71 -25.47 10.26
C ASP A 517 12.49 -26.38 9.30
N ASN A 518 13.62 -25.91 8.75
CA ASN A 518 14.42 -26.74 7.84
C ASN A 518 15.59 -27.28 8.63
N LEU A 519 15.30 -28.32 9.43
CA LEU A 519 16.22 -28.97 10.35
C LEU A 519 16.67 -30.34 9.86
C1 3LE B . 5.57 -17.79 -17.83
C2 3LE B . 4.18 -17.17 -17.57
C3 3LE B . 3.80 -16.96 -16.13
O4 3LE B . 5.09 -14.00 -23.41
O5 3LE B . 7.60 -16.68 -16.24
N6 3LE B . 10.12 -18.37 -14.80
C7 3LE B . 7.45 -15.54 -21.63
C8 3LE B . 7.03 -13.35 -20.48
C9 3LE B . 6.18 -13.77 -22.85
C10 3LE B . 2.08 -13.63 -19.52
C11 3LE B . 1.13 -14.02 -18.63
C12 3LE B . 0.90 -11.77 -19.50
C13 3LE B . 7.05 -17.72 -15.88
C14 3LE B . 11.39 -17.98 -14.50
C15 3LE B . 11.36 -19.24 -16.36
C16 3LE B . 11.90 -19.92 -17.53
C19 3LE B . 13.00 -21.50 -19.61
C20 3LE B . 12.28 -22.04 -18.60
C21 3LE B . 13.64 -18.37 -15.57
C22 3LE B . 14.39 -19.56 -15.00
C24 3LE B . 16.63 -20.70 -12.85
O12 3LE B . 14.63 -20.60 -11.19
S2 3LE B . 14.91 -20.86 -12.58
O11 3LE B . 14.46 -22.12 -13.11
C23 3LE B . 14.17 -19.55 -13.53
N7 3LE B . 12.18 -18.54 -15.50
O8 3LE B . 11.76 -17.32 -13.56
N9 3LE B . 11.79 -21.27 -17.57
O10 3LE B . 13.51 -22.23 -20.59
C18 3LE B . 13.21 -20.01 -19.60
O9 3LE B . 13.86 -19.47 -20.51
C17 3LE B . 12.61 -19.27 -18.52
N8 3LE B . 10.06 -19.17 -15.97
S1 3LE B . 8.70 -18.05 -13.88
O6 3LE B . 8.78 -18.98 -12.79
O7 3LE B . 8.74 -16.65 -13.62
N5 3LE B . 7.42 -18.42 -14.76
N4 3LE B . 6.07 -18.32 -16.56
C 3LE B . 5.59 -18.89 -18.88
O 3LE B . 3.90 -15.93 -15.53
N 3LE B . 3.97 -15.91 -18.28
C4 3LE B . 3.33 -15.81 -19.45
O1 3LE B . 2.93 -16.78 -20.10
C5 3LE B . 3.26 -14.40 -19.96
N1 3LE B . 4.27 -13.96 -20.61
O2 3LE B . 5.25 -14.97 -20.85
C6 3LE B . 6.48 -14.38 -21.45
O3 3LE B . 7.12 -13.11 -23.34
N2 3LE B . 1.96 -12.35 -20.02
N3 3LE B . 0.48 -10.53 -19.82
S 3LE B . 0.01 -12.75 -18.37
#